data_5KWR
#
_entry.id   5KWR
#
_cell.length_a   82.740
_cell.length_b   82.740
_cell.length_c   50.370
_cell.angle_alpha   90.00
_cell.angle_beta   90.00
_cell.angle_gamma   120.00
#
_symmetry.space_group_name_H-M   'P 6'
#
loop_
_entity.id
_entity.type
_entity.pdbx_description
1 polymer Cerebellin-1
2 branched alpha-L-fucopyranose-(1-3)-[2-acetamido-2-deoxy-beta-D-glucopyranose-(1-4)]2-acetamido-2-deoxy-beta-D-glucopyranose
3 water water
#
_entity_poly.entity_id   1
_entity_poly.type   'polypeptide(L)'
_entity_poly.pdbx_seq_one_letter_code
;SGSAKVAFSAIRSTNHEPSEMSNRTMIIYFDQVLVNIGNNFDSERSTFIAPRKGIYSFNFHVVKVYNRQTIQVSLMLNGW
PVISAFAGDQDVTREAASNGVLIQMEKGDRAYLKLERGNLMGGWKYSTFSGFLVFPLHHHHHH
;
_entity_poly.pdbx_strand_id   A
#
loop_
_chem_comp.id
_chem_comp.type
_chem_comp.name
_chem_comp.formula
FUC L-saccharide, alpha linking alpha-L-fucopyranose 'C6 H12 O5'
NAG D-saccharide, beta linking 2-acetamido-2-deoxy-beta-D-glucopyranose 'C8 H15 N O6'
#
# COMPACT_ATOMS: atom_id res chain seq x y z
N SER A 1 -11.75 -22.16 -3.83
CA SER A 1 -11.65 -21.27 -4.97
C SER A 1 -10.41 -21.59 -5.80
N GLY A 2 -9.57 -22.48 -5.30
CA GLY A 2 -8.39 -22.92 -6.05
C GLY A 2 -7.42 -21.78 -6.29
N SER A 3 -7.11 -21.54 -7.58
CA SER A 3 -6.25 -20.43 -7.98
C SER A 3 -6.99 -19.09 -7.95
N ALA A 4 -8.21 -19.07 -7.41
CA ALA A 4 -8.93 -17.84 -7.15
C ALA A 4 -8.85 -17.42 -5.69
N LYS A 5 -7.89 -17.97 -4.95
CA LYS A 5 -7.61 -17.58 -3.56
C LYS A 5 -6.33 -16.77 -3.62
N VAL A 6 -6.46 -15.45 -3.57
CA VAL A 6 -5.33 -14.53 -3.69
C VAL A 6 -5.55 -13.43 -2.67
N ALA A 7 -4.60 -13.24 -1.76
CA ALA A 7 -4.79 -12.28 -0.69
C ALA A 7 -3.44 -11.91 -0.09
N PHE A 8 -3.31 -10.67 0.33
CA PHE A 8 -2.10 -10.25 1.03
C PHE A 8 -2.48 -9.21 2.08
N SER A 9 -1.64 -9.10 3.09
CA SER A 9 -1.75 -8.01 4.06
C SER A 9 -0.36 -7.81 4.65
N ALA A 10 0.01 -6.55 4.85
CA ALA A 10 1.33 -6.23 5.36
C ALA A 10 1.23 -5.00 6.23
N ILE A 11 2.14 -4.89 7.19
CA ILE A 11 2.09 -3.80 8.16
C ILE A 11 3.50 -3.27 8.37
N ARG A 12 3.57 -2.04 8.89
CA ARG A 12 4.84 -1.44 9.27
C ARG A 12 4.96 -1.59 10.78
N SER A 13 5.94 -2.40 11.23
CA SER A 13 6.00 -2.81 12.62
C SER A 13 6.92 -1.96 13.48
N THR A 14 7.68 -1.04 12.91
CA THR A 14 8.62 -0.21 13.67
C THR A 14 8.45 1.24 13.27
N ASN A 15 9.07 2.14 14.05
CA ASN A 15 9.09 3.55 13.69
C ASN A 15 10.41 3.95 13.02
N HIS A 16 11.11 3.00 12.41
CA HIS A 16 12.39 3.30 11.78
C HIS A 16 12.19 4.21 10.57
N GLU A 17 13.20 5.04 10.30
CA GLU A 17 13.09 6.05 9.28
C GLU A 17 13.17 5.41 7.89
N PRO A 18 12.73 6.12 6.85
CA PRO A 18 12.85 5.58 5.50
C PRO A 18 14.30 5.44 5.05
N SER A 19 14.53 4.43 4.21
CA SER A 19 15.82 4.19 3.60
C SER A 19 16.08 5.16 2.46
N GLU A 20 17.33 5.19 1.98
CA GLU A 20 17.65 6.00 0.82
C GLU A 20 16.79 5.60 -0.39
N MET A 21 16.63 4.30 -0.62
CA MET A 21 15.84 3.87 -1.78
C MET A 21 14.38 4.24 -1.61
N SER A 22 13.84 4.11 -0.39
CA SER A 22 12.46 4.54 -0.16
C SER A 22 12.29 6.01 -0.46
N ASN A 23 13.30 6.81 -0.09
CA ASN A 23 13.30 8.24 -0.41
C ASN A 23 13.27 8.48 -1.91
N ARG A 24 13.96 7.63 -2.69
CA ARG A 24 14.01 7.84 -4.14
C ARG A 24 12.75 7.36 -4.83
N THR A 25 12.18 6.24 -4.39
CA THR A 25 10.98 5.75 -5.06
C THR A 25 9.71 6.34 -4.50
N MET A 26 9.74 6.79 -3.24
N MET A 26 9.72 6.79 -3.24
CA MET A 26 8.55 7.21 -2.49
CA MET A 26 8.55 7.23 -2.49
C MET A 26 7.49 6.12 -2.52
C MET A 26 7.56 6.09 -2.23
N ILE A 27 7.91 4.86 -2.60
CA ILE A 27 7.01 3.73 -2.42
C ILE A 27 7.05 3.32 -0.96
N ILE A 28 5.87 3.19 -0.35
CA ILE A 28 5.79 2.96 1.09
C ILE A 28 6.07 1.49 1.36
N TYR A 29 6.99 1.23 2.28
CA TYR A 29 7.49 -0.11 2.54
C TYR A 29 6.86 -0.70 3.80
N PHE A 30 6.51 -1.99 3.74
CA PHE A 30 5.88 -2.70 4.85
C PHE A 30 6.77 -3.89 5.20
N ASP A 31 7.35 -3.88 6.40
CA ASP A 31 8.35 -4.88 6.74
C ASP A 31 7.75 -6.22 7.15
N GLN A 32 6.51 -6.27 7.62
CA GLN A 32 5.94 -7.49 8.17
C GLN A 32 4.75 -7.90 7.31
N VAL A 33 4.89 -9.02 6.62
CA VAL A 33 3.81 -9.55 5.78
C VAL A 33 3.03 -10.55 6.61
N LEU A 34 1.74 -10.25 6.86
CA LEU A 34 0.88 -11.13 7.65
C LEU A 34 0.24 -12.21 6.80
N VAL A 35 -0.13 -11.89 5.57
CA VAL A 35 -0.81 -12.82 4.67
C VAL A 35 -0.19 -12.68 3.29
N ASN A 36 0.03 -13.80 2.59
CA ASN A 36 0.50 -13.68 1.20
C ASN A 36 0.11 -14.96 0.48
N ILE A 37 -1.20 -15.16 0.32
CA ILE A 37 -1.71 -16.36 -0.31
C ILE A 37 -1.57 -16.21 -1.81
N GLY A 38 -0.87 -17.14 -2.45
CA GLY A 38 -0.50 -17.03 -3.84
C GLY A 38 0.88 -16.46 -4.07
N ASN A 39 1.51 -15.92 -3.02
CA ASN A 39 2.82 -15.27 -3.12
C ASN A 39 2.84 -14.24 -4.25
N ASN A 40 1.77 -13.46 -4.36
CA ASN A 40 1.70 -12.42 -5.37
C ASN A 40 2.09 -11.04 -4.85
N PHE A 41 2.30 -10.90 -3.54
CA PHE A 41 2.82 -9.67 -2.98
C PHE A 41 4.34 -9.75 -2.91
N ASP A 42 5.01 -8.79 -3.54
CA ASP A 42 6.47 -8.72 -3.56
C ASP A 42 6.87 -7.91 -2.33
N SER A 43 7.35 -8.60 -1.29
CA SER A 43 7.62 -7.92 -0.03
C SER A 43 8.84 -7.02 -0.13
N GLU A 44 9.78 -7.32 -1.03
CA GLU A 44 10.92 -6.43 -1.21
C GLU A 44 10.50 -5.10 -1.81
N ARG A 45 9.53 -5.13 -2.72
CA ARG A 45 9.06 -3.93 -3.40
C ARG A 45 7.73 -3.42 -2.87
N SER A 46 7.14 -4.10 -1.89
CA SER A 46 5.83 -3.73 -1.33
C SER A 46 4.80 -3.53 -2.45
N THR A 47 4.88 -4.37 -3.47
CA THR A 47 4.05 -4.26 -4.65
C THR A 47 3.26 -5.55 -4.83
N PHE A 48 1.96 -5.42 -5.07
CA PHE A 48 1.14 -6.55 -5.45
C PHE A 48 1.09 -6.68 -6.96
N ILE A 49 1.39 -7.87 -7.48
CA ILE A 49 1.35 -8.16 -8.91
C ILE A 49 0.19 -9.10 -9.15
N ALA A 50 -0.81 -8.66 -9.90
CA ALA A 50 -1.99 -9.48 -10.12
C ALA A 50 -1.63 -10.74 -10.90
N PRO A 51 -2.04 -11.93 -10.43
CA PRO A 51 -1.76 -13.15 -11.18
C PRO A 51 -2.72 -13.45 -12.32
N ARG A 52 -3.89 -12.82 -12.34
CA ARG A 52 -4.90 -13.12 -13.35
C ARG A 52 -5.88 -11.96 -13.42
N LYS A 53 -6.64 -11.90 -14.52
CA LYS A 53 -7.67 -10.89 -14.65
C LYS A 53 -8.75 -11.06 -13.58
N GLY A 54 -9.15 -9.96 -12.96
CA GLY A 54 -10.16 -10.05 -11.92
C GLY A 54 -10.44 -8.69 -11.31
N ILE A 55 -11.40 -8.68 -10.40
CA ILE A 55 -11.68 -7.52 -9.55
C ILE A 55 -10.94 -7.71 -8.25
N TYR A 56 -10.13 -6.72 -7.85
CA TYR A 56 -9.33 -6.80 -6.65
C TYR A 56 -9.75 -5.68 -5.70
N SER A 57 -9.77 -6.00 -4.42
CA SER A 57 -10.05 -5.03 -3.37
C SER A 57 -8.75 -4.63 -2.71
N PHE A 58 -8.56 -3.33 -2.46
CA PHE A 58 -7.37 -2.85 -1.76
C PHE A 58 -7.80 -1.90 -0.67
N ASN A 59 -7.09 -1.94 0.45
N ASN A 59 -7.03 -1.89 0.43
CA ASN A 59 -7.28 -0.99 1.53
CA ASN A 59 -7.33 -1.01 1.56
C ASN A 59 -5.92 -0.60 2.08
C ASN A 59 -6.03 -0.67 2.27
N PHE A 60 -5.83 0.61 2.58
CA PHE A 60 -4.58 1.04 3.20
C PHE A 60 -4.87 2.09 4.25
N HIS A 61 -3.95 2.15 5.21
CA HIS A 61 -4.03 3.11 6.31
C HIS A 61 -2.59 3.45 6.63
N VAL A 62 -2.13 4.62 6.22
CA VAL A 62 -0.75 5.00 6.42
C VAL A 62 -0.73 5.98 7.59
N VAL A 63 0.00 5.60 8.64
CA VAL A 63 -0.03 6.28 9.92
C VAL A 63 1.25 7.09 10.04
N LYS A 64 1.12 8.38 10.38
CA LYS A 64 2.27 9.27 10.49
C LYS A 64 2.30 9.90 11.87
N VAL A 65 3.46 10.43 12.22
CA VAL A 65 3.63 11.21 13.44
C VAL A 65 3.90 12.66 13.05
N TYR A 66 4.02 13.54 14.03
CA TYR A 66 4.35 14.93 13.75
C TYR A 66 5.71 15.02 13.10
N ASN A 67 5.75 15.59 11.89
CA ASN A 67 7.04 15.75 11.20
C ASN A 67 7.06 16.98 10.29
N ARG A 68 6.21 17.98 10.55
CA ARG A 68 6.17 19.24 9.82
C ARG A 68 5.73 19.08 8.36
N GLN A 69 5.07 17.98 8.03
CA GLN A 69 4.57 17.74 6.68
C GLN A 69 3.16 17.20 6.78
N THR A 70 2.31 17.61 5.83
CA THR A 70 1.11 16.86 5.50
C THR A 70 1.44 15.92 4.36
N ILE A 71 0.66 14.84 4.24
CA ILE A 71 0.98 13.83 3.24
C ILE A 71 -0.23 13.56 2.36
N GLN A 72 0.08 13.10 1.14
CA GLN A 72 -0.90 12.51 0.24
C GLN A 72 -0.34 11.14 -0.15
N VAL A 73 -1.12 10.10 0.09
CA VAL A 73 -0.74 8.73 -0.21
C VAL A 73 -1.66 8.25 -1.32
N SER A 74 -1.11 7.64 -2.37
CA SER A 74 -1.95 7.21 -3.47
C SER A 74 -1.74 5.73 -3.75
N LEU A 75 -2.84 5.01 -4.01
CA LEU A 75 -2.72 3.67 -4.54
C LEU A 75 -2.41 3.76 -6.02
N MET A 76 -1.25 3.23 -6.42
CA MET A 76 -0.77 3.34 -7.80
C MET A 76 -1.09 2.06 -8.53
N LEU A 77 -1.60 2.18 -9.75
CA LEU A 77 -1.80 1.04 -10.64
C LEU A 77 -0.93 1.31 -11.85
N ASN A 78 0.15 0.54 -12.01
CA ASN A 78 1.09 0.71 -13.12
C ASN A 78 1.56 2.15 -13.22
N GLY A 79 1.92 2.74 -12.07
CA GLY A 79 2.48 4.08 -12.06
C GLY A 79 1.47 5.22 -12.12
N TRP A 80 0.17 4.93 -12.17
CA TRP A 80 -0.85 5.98 -12.19
C TRP A 80 -1.69 5.93 -10.94
N PRO A 81 -1.97 7.08 -10.30
CA PRO A 81 -2.75 7.06 -9.07
C PRO A 81 -4.20 6.73 -9.36
N VAL A 82 -4.75 5.79 -8.60
CA VAL A 82 -6.16 5.44 -8.70
C VAL A 82 -6.99 6.15 -7.64
N ILE A 83 -6.56 6.06 -6.38
CA ILE A 83 -7.23 6.74 -5.26
C ILE A 83 -6.14 7.35 -4.40
N SER A 84 -6.53 8.34 -3.60
CA SER A 84 -5.58 9.00 -2.71
C SER A 84 -6.21 9.16 -1.33
N ALA A 85 -5.35 9.34 -0.34
CA ALA A 85 -5.75 9.63 1.03
C ALA A 85 -4.81 10.68 1.58
N PHE A 86 -5.25 11.35 2.64
CA PHE A 86 -4.56 12.53 3.14
C PHE A 86 -4.47 12.46 4.66
N ALA A 87 -3.37 13.01 5.18
CA ALA A 87 -3.24 13.21 6.62
C ALA A 87 -2.54 14.55 6.84
N GLY A 88 -2.85 15.18 7.97
CA GLY A 88 -2.32 16.50 8.31
C GLY A 88 -1.03 16.41 9.09
N ASP A 89 -0.83 17.40 9.95
CA ASP A 89 0.39 17.45 10.76
C ASP A 89 0.06 18.06 12.10
N GLN A 90 0.12 17.26 13.16
CA GLN A 90 0.01 17.81 14.50
C GLN A 90 0.71 16.84 15.46
N ASP A 91 0.85 17.29 16.70
CA ASP A 91 1.63 16.56 17.70
C ASP A 91 0.76 16.01 18.82
N VAL A 92 -0.55 15.87 18.59
CA VAL A 92 -1.46 15.35 19.60
C VAL A 92 -1.62 13.84 19.48
N THR A 93 -1.65 13.31 18.26
CA THR A 93 -1.92 11.90 18.05
C THR A 93 -1.33 11.47 16.72
N ARG A 94 -0.91 10.21 16.65
CA ARG A 94 -0.71 9.61 15.34
C ARG A 94 -1.99 9.78 14.54
N GLU A 95 -1.85 9.89 13.21
CA GLU A 95 -3.04 10.00 12.37
C GLU A 95 -2.76 9.28 11.07
N ALA A 96 -3.83 8.92 10.38
CA ALA A 96 -3.75 8.02 9.23
C ALA A 96 -4.36 8.62 7.97
N ALA A 97 -3.68 8.37 6.85
CA ALA A 97 -4.23 8.56 5.52
C ALA A 97 -4.80 7.23 5.09
N SER A 98 -6.12 7.15 5.01
CA SER A 98 -6.84 5.90 4.77
C SER A 98 -7.74 6.00 3.55
N ASN A 99 -7.78 4.94 2.75
CA ASN A 99 -8.74 4.83 1.66
C ASN A 99 -8.74 3.37 1.19
N GLY A 100 -9.72 3.03 0.36
CA GLY A 100 -9.77 1.71 -0.23
C GLY A 100 -10.63 1.76 -1.46
N VAL A 101 -10.50 0.74 -2.31
CA VAL A 101 -11.23 0.72 -3.57
C VAL A 101 -11.16 -0.68 -4.17
N LEU A 102 -12.10 -0.97 -5.07
CA LEU A 102 -12.05 -2.12 -5.96
C LEU A 102 -11.57 -1.66 -7.34
N ILE A 103 -10.70 -2.45 -7.97
CA ILE A 103 -10.26 -2.14 -9.32
C ILE A 103 -10.16 -3.42 -10.11
N GLN A 104 -10.34 -3.30 -11.42
CA GLN A 104 -10.02 -4.41 -12.31
C GLN A 104 -8.54 -4.40 -12.64
N MET A 105 -7.90 -5.58 -12.55
CA MET A 105 -6.49 -5.71 -12.88
C MET A 105 -6.35 -6.83 -13.89
N GLU A 106 -5.41 -6.66 -14.81
CA GLU A 106 -5.00 -7.72 -15.72
C GLU A 106 -3.81 -8.45 -15.12
N LYS A 107 -3.52 -9.61 -15.67
CA LYS A 107 -2.33 -10.34 -15.22
C LYS A 107 -1.09 -9.48 -15.45
N GLY A 108 -0.27 -9.34 -14.41
CA GLY A 108 0.93 -8.53 -14.49
C GLY A 108 0.78 -7.09 -14.06
N ASP A 109 -0.44 -6.60 -13.87
CA ASP A 109 -0.63 -5.25 -13.33
C ASP A 109 -0.04 -5.16 -11.93
N ARG A 110 0.49 -3.98 -11.59
CA ARG A 110 1.18 -3.79 -10.31
C ARG A 110 0.47 -2.71 -9.50
N ALA A 111 0.25 -3.00 -8.23
CA ALA A 111 -0.39 -2.07 -7.31
C ALA A 111 0.52 -1.85 -6.11
N TYR A 112 0.73 -0.58 -5.74
CA TYR A 112 1.57 -0.24 -4.60
C TYR A 112 1.15 1.14 -4.11
N LEU A 113 1.68 1.52 -2.95
CA LEU A 113 1.38 2.81 -2.36
C LEU A 113 2.55 3.75 -2.57
N LYS A 114 2.25 4.99 -2.96
CA LYS A 114 3.27 5.98 -3.16
C LYS A 114 2.94 7.23 -2.36
N LEU A 115 3.96 7.79 -1.72
CA LEU A 115 3.83 9.05 -1.01
C LEU A 115 3.94 10.16 -2.05
N GLU A 116 2.78 10.64 -2.52
CA GLU A 116 2.74 11.66 -3.56
C GLU A 116 3.18 13.02 -3.05
N ARG A 117 2.98 13.30 -1.76
CA ARG A 117 3.36 14.57 -1.18
C ARG A 117 3.74 14.36 0.28
N GLY A 118 4.72 15.11 0.76
CA GLY A 118 5.20 14.98 2.13
C GLY A 118 6.27 13.91 2.27
N ASN A 119 6.57 13.59 3.54
CA ASN A 119 7.50 12.51 3.84
C ASN A 119 7.00 11.75 5.06
N LEU A 120 7.68 10.63 5.36
CA LEU A 120 7.36 9.84 6.53
C LEU A 120 8.53 9.80 7.52
N MET A 121 9.28 10.90 7.62
CA MET A 121 10.23 11.01 8.72
C MET A 121 9.49 10.92 10.05
N GLY A 122 10.15 10.34 11.04
CA GLY A 122 9.48 9.93 12.25
C GLY A 122 8.83 8.57 12.19
N GLY A 123 8.86 7.92 11.02
CA GLY A 123 8.36 6.57 10.88
C GLY A 123 6.89 6.52 10.49
N TRP A 124 6.47 5.35 10.05
CA TRP A 124 5.07 5.09 9.73
C TRP A 124 4.61 3.79 10.36
N LYS A 125 5.07 3.54 11.58
CA LYS A 125 4.59 2.41 12.36
C LYS A 125 3.07 2.42 12.42
N TYR A 126 2.49 1.21 12.35
CA TYR A 126 1.06 0.88 12.41
C TYR A 126 0.39 1.04 11.05
N SER A 127 1.11 1.48 10.02
CA SER A 127 0.57 1.50 8.66
C SER A 127 0.23 0.10 8.19
N THR A 128 -0.82 -0.01 7.36
CA THR A 128 -1.28 -1.30 6.88
C THR A 128 -1.63 -1.19 5.40
N PHE A 129 -1.50 -2.30 4.69
CA PHE A 129 -1.80 -2.38 3.26
C PHE A 129 -2.27 -3.80 2.99
N SER A 130 -3.47 -3.98 2.45
CA SER A 130 -3.95 -5.33 2.20
C SER A 130 -4.80 -5.36 0.95
N GLY A 131 -5.04 -6.56 0.43
CA GLY A 131 -5.81 -6.69 -0.78
C GLY A 131 -6.13 -8.14 -1.05
N PHE A 132 -7.17 -8.35 -1.85
CA PHE A 132 -7.52 -9.73 -2.22
C PHE A 132 -8.29 -9.73 -3.53
N LEU A 133 -8.26 -10.88 -4.19
CA LEU A 133 -9.06 -11.07 -5.39
C LEU A 133 -10.51 -11.28 -4.96
N VAL A 134 -11.40 -10.39 -5.40
CA VAL A 134 -12.82 -10.54 -5.08
C VAL A 134 -13.43 -11.67 -5.92
N PHE A 135 -13.17 -11.63 -7.22
CA PHE A 135 -13.50 -12.75 -8.10
C PHE A 135 -12.71 -12.61 -9.38
N PRO A 136 -12.38 -13.70 -10.05
CA PRO A 136 -11.72 -13.62 -11.35
C PRO A 136 -12.71 -13.21 -12.44
N LEU A 137 -12.13 -12.77 -13.56
CA LEU A 137 -12.89 -12.44 -14.76
C LEU A 137 -12.31 -13.20 -15.94
N HIS A 138 -13.19 -13.64 -16.81
CA HIS A 138 -12.74 -14.34 -18.00
C HIS A 138 -12.71 -13.34 -19.16
N HIS A 139 -12.55 -13.84 -20.38
CA HIS A 139 -12.29 -13.05 -21.60
C HIS A 139 -10.85 -12.56 -21.64
C1 NAG B . 15.28 10.89 3.33
C2 NAG B . 16.69 11.01 3.92
C3 NAG B . 16.69 11.91 5.16
C4 NAG B . 16.07 13.25 4.81
C5 NAG B . 14.66 13.03 4.28
C6 NAG B . 13.96 14.31 3.85
C7 NAG B . 18.14 9.06 3.55
C8 NAG B . 18.62 9.77 2.32
N2 NAG B . 17.22 9.70 4.27
O3 NAG B . 18.03 12.10 5.61
O4 NAG B . 16.05 14.11 5.95
O5 NAG B . 14.74 12.20 3.11
O6 NAG B . 14.63 14.93 2.78
O7 NAG B . 18.56 7.95 3.86
C1 FUC B . 18.19 11.71 6.99
C2 FUC B . 19.11 10.51 7.04
C3 FUC B . 20.42 10.88 6.34
C4 FUC B . 21.09 12.04 7.09
C5 FUC B . 20.08 13.19 7.36
C6 FUC B . 20.55 14.16 8.43
O2 FUC B . 18.53 9.33 6.49
O3 FUC B . 21.32 9.77 6.36
O4 FUC B . 21.63 11.57 8.32
O5 FUC B . 18.74 12.75 7.76
C1 NAG B . 16.78 15.32 5.63
C2 NAG B . 16.41 16.39 6.68
C3 NAG B . 17.19 17.67 6.41
C4 NAG B . 18.68 17.40 6.29
C5 NAG B . 18.92 16.32 5.25
C6 NAG B . 20.37 15.93 5.13
C7 NAG B . 14.14 16.08 7.56
C8 NAG B . 12.69 16.45 7.41
N2 NAG B . 14.98 16.64 6.68
O3 NAG B . 16.95 18.59 7.47
O4 NAG B . 19.36 18.58 5.92
O5 NAG B . 18.20 15.13 5.61
O6 NAG B . 20.53 14.68 4.45
O7 NAG B . 14.53 15.33 8.45
#